data_4EZQ
#
_entry.id   4EZQ
#
_cell.length_a   94.620
_cell.length_b   116.700
_cell.length_c   38.170
_cell.angle_alpha   90.00
_cell.angle_beta   90.00
_cell.angle_gamma   90.00
#
_symmetry.space_group_name_H-M   'I 2 2 2'
#
loop_
_entity.id
_entity.type
_entity.pdbx_description
1 polymer 'Chaperone protein DnaK'
2 polymer Pyrrhocoricin
3 water water
#
loop_
_entity_poly.entity_id
_entity_poly.type
_entity_poly.pdbx_seq_one_letter_code
_entity_poly.pdbx_strand_id
1 'polypeptide(L)'
;VLLLDVTPLSLGIETMGGVMTTLIAKNTTIPTKHSQVFSTAEDNQSAVTIHVLQGERKRAADNKSLGQFNLDGINPAPRG
MPQIEVTFDIDADGILHVSAKDKNSGKEQKITIKASSGLNEDEIQKMVRDAEANAEADRKFEELVQTRNQGDHLLHSTRK
QVEEAGDKLPADDKTAIESALTALETALKGEDKAAIEAKMQELAQVSQKLMEIAQQQHA
;
A
2 'polypeptide(L)' PPRPIYNRN B
#
# COMPACT_ATOMS: atom_id res chain seq x y z
N VAL A 1 10.00 27.24 25.55
CA VAL A 1 10.12 25.92 26.24
C VAL A 1 11.54 25.49 26.02
N LEU A 2 12.07 24.70 26.94
CA LEU A 2 13.44 24.27 26.84
C LEU A 2 13.51 22.88 26.24
N LEU A 3 12.34 22.25 26.20
CA LEU A 3 12.14 20.89 25.77
C LEU A 3 11.01 20.94 24.79
N LEU A 4 10.96 19.92 23.94
CA LEU A 4 9.80 19.55 23.17
C LEU A 4 9.71 18.01 23.22
N ASP A 5 8.48 17.48 23.35
CA ASP A 5 8.18 16.05 23.16
C ASP A 5 7.97 15.78 21.69
N VAL A 6 8.82 14.97 21.07
CA VAL A 6 8.75 14.75 19.63
C VAL A 6 8.81 13.27 19.30
N THR A 7 8.33 12.88 18.13
CA THR A 7 8.46 11.48 17.78
C THR A 7 9.88 11.26 17.29
N PRO A 8 10.64 10.30 17.87
CA PRO A 8 11.99 10.08 17.36
C PRO A 8 12.05 9.37 16.00
N LEU A 9 11.04 8.56 15.68
CA LEU A 9 10.99 7.86 14.41
C LEU A 9 9.63 8.02 13.84
N SER A 10 9.57 7.79 12.54
CA SER A 10 8.34 7.79 11.79
C SER A 10 7.37 6.69 12.26
N LEU A 11 6.08 6.98 12.15
CA LEU A 11 5.06 5.99 12.46
C LEU A 11 4.12 5.77 11.29
N GLY A 12 3.79 4.51 11.03
CA GLY A 12 2.85 4.22 9.97
C GLY A 12 2.30 2.84 9.94
N ILE A 13 1.87 2.44 8.74
CA ILE A 13 1.23 1.15 8.52
C ILE A 13 1.81 0.49 7.29
N GLU A 14 1.72 -0.82 7.26
CA GLU A 14 2.17 -1.58 6.12
C GLU A 14 1.10 -1.51 5.04
N THR A 15 1.48 -1.22 3.78
CA THR A 15 0.53 -1.16 2.66
C THR A 15 0.99 -2.16 1.58
N MET A 16 0.16 -2.42 0.59
CA MET A 16 0.35 -3.49 -0.38
C MET A 16 1.78 -3.57 -0.95
N GLY A 17 2.36 -4.76 -0.96
CA GLY A 17 3.71 -4.94 -1.46
C GLY A 17 4.73 -4.97 -0.34
N GLY A 18 4.26 -4.73 0.87
CA GLY A 18 5.14 -4.80 2.04
C GLY A 18 5.93 -3.55 2.30
N VAL A 19 5.34 -2.40 2.03
CA VAL A 19 6.03 -1.14 2.17
C VAL A 19 5.43 -0.36 3.35
N MET A 20 6.27 0.31 4.14
CA MET A 20 5.76 1.19 5.17
C MET A 20 5.35 2.52 4.55
N THR A 21 4.09 2.89 4.75
CA THR A 21 3.56 4.19 4.44
C THR A 21 3.45 5.01 5.72
N THR A 22 4.06 6.17 5.71
CA THR A 22 4.22 6.96 6.92
C THR A 22 2.94 7.74 7.13
N LEU A 23 2.46 7.75 8.37
CA LEU A 23 1.36 8.66 8.74
C LEU A 23 1.80 9.78 9.61
N ILE A 24 2.73 9.53 10.53
CA ILE A 24 3.31 10.63 11.31
C ILE A 24 4.86 10.60 11.08
N ALA A 25 5.37 11.66 10.45
CA ALA A 25 6.81 11.83 10.19
C ALA A 25 7.65 11.90 11.45
N LYS A 26 8.87 11.37 11.37
CA LYS A 26 9.91 11.50 12.40
C LYS A 26 10.02 12.92 12.79
N ASN A 27 10.22 13.15 14.08
CA ASN A 27 10.41 14.50 14.64
C ASN A 27 9.17 15.38 14.75
N THR A 28 7.99 14.81 15.00
CA THR A 28 6.75 15.59 15.06
C THR A 28 6.48 15.85 16.51
N THR A 29 6.06 17.07 16.82
CA THR A 29 5.71 17.44 18.20
C THR A 29 4.39 16.80 18.52
N ILE A 30 4.26 16.27 19.72
CA ILE A 30 3.03 15.61 20.11
C ILE A 30 2.46 16.47 21.19
N PRO A 31 1.13 16.59 21.26
CA PRO A 31 0.08 15.83 20.60
C PRO A 31 -0.17 16.17 19.12
N THR A 32 -0.52 15.15 18.36
CA THR A 32 -0.63 15.24 16.92
C THR A 32 -1.69 14.26 16.45
N LYS A 33 -2.44 14.60 15.41
CA LYS A 33 -3.39 13.64 14.84
C LYS A 33 -3.27 13.72 13.31
N HIS A 34 -3.13 12.58 12.63
CA HIS A 34 -3.18 12.54 11.14
C HIS A 34 -3.94 11.34 10.62
N SER A 35 -4.63 11.53 9.48
CA SER A 35 -5.47 10.54 8.83
C SER A 35 -5.27 10.52 7.29
N GLN A 36 -5.42 9.34 6.71
CA GLN A 36 -5.30 9.14 5.27
C GLN A 36 -6.28 8.05 4.90
N VAL A 37 -6.70 8.06 3.65
CA VAL A 37 -7.64 7.11 3.13
C VAL A 37 -6.97 6.11 2.24
N PHE A 38 -7.19 4.85 2.58
CA PHE A 38 -6.67 3.69 1.88
C PHE A 38 -7.85 2.91 1.31
N SER A 39 -7.59 1.78 0.67
CA SER A 39 -8.65 1.05 0.01
C SER A 39 -8.28 -0.42 -0.13
N THR A 40 -9.06 -1.14 -0.94
CA THR A 40 -8.85 -2.57 -1.11
C THR A 40 -8.05 -2.84 -2.35
N ALA A 41 -7.35 -3.97 -2.35
CA ALA A 41 -6.54 -4.38 -3.48
C ALA A 41 -7.21 -5.38 -4.39
N GLU A 42 -8.25 -6.07 -3.91
CA GLU A 42 -8.92 -7.10 -4.67
C GLU A 42 -10.41 -6.83 -4.69
N ASP A 43 -11.07 -7.18 -5.80
CA ASP A 43 -12.52 -7.11 -5.90
C ASP A 43 -13.17 -7.96 -4.80
N ASN A 44 -14.19 -7.41 -4.16
CA ASN A 44 -14.98 -8.16 -3.20
C ASN A 44 -14.24 -8.36 -1.87
N GLN A 45 -13.06 -7.77 -1.70
CA GLN A 45 -12.35 -7.86 -0.44
C GLN A 45 -13.28 -7.49 0.73
N SER A 46 -13.25 -8.32 1.79
CA SER A 46 -14.12 -8.15 2.96
C SER A 46 -13.45 -7.56 4.19
N ALA A 47 -12.13 -7.52 4.19
CA ALA A 47 -11.38 -6.99 5.34
C ALA A 47 -9.98 -6.49 4.93
N VAL A 48 -9.36 -5.65 5.78
CA VAL A 48 -7.98 -5.15 5.67
C VAL A 48 -7.34 -5.38 7.01
N THR A 49 -6.06 -5.78 6.98
CA THR A 49 -5.22 -5.79 8.16
C THR A 49 -4.52 -4.46 8.28
N ILE A 50 -4.69 -3.79 9.42
CA ILE A 50 -3.86 -2.64 9.70
C ILE A 50 -2.62 -3.10 10.48
N HIS A 51 -1.44 -2.91 9.90
CA HIS A 51 -0.20 -3.25 10.60
C HIS A 51 0.64 -2.03 10.91
N VAL A 52 0.72 -1.67 12.21
CA VAL A 52 1.34 -0.39 12.70
C VAL A 52 2.87 -0.56 12.90
N LEU A 53 3.60 0.40 12.34
CA LEU A 53 5.05 0.31 12.19
C LEU A 53 5.71 1.58 12.67
N GLN A 54 6.88 1.41 13.26
CA GLN A 54 7.71 2.54 13.73
C GLN A 54 9.06 2.43 13.10
N GLY A 55 9.48 3.43 12.37
CA GLY A 55 10.83 3.37 11.85
C GLY A 55 11.02 4.09 10.55
N GLU A 56 12.24 4.03 10.03
CA GLU A 56 12.65 4.86 8.90
C GLU A 56 12.90 4.11 7.59
N ARG A 57 12.93 2.78 7.64
CA ARG A 57 13.07 1.89 6.49
C ARG A 57 11.81 1.79 5.58
N LYS A 58 12.04 1.50 4.30
CA LYS A 58 11.00 1.39 3.30
C LYS A 58 10.30 0.03 3.35
N ARG A 59 11.05 -1.05 3.59
CA ARG A 59 10.47 -2.36 3.83
C ARG A 59 9.82 -2.45 5.24
N ALA A 60 8.54 -2.79 5.31
CA ALA A 60 7.83 -2.96 6.58
C ALA A 60 8.54 -3.94 7.45
N ALA A 61 9.07 -5.00 6.84
CA ALA A 61 9.78 -6.01 7.61
C ALA A 61 11.03 -5.45 8.28
N ASP A 62 11.48 -4.30 7.76
CA ASP A 62 12.68 -3.67 8.30
C ASP A 62 12.39 -2.72 9.43
N ASN A 63 11.12 -2.52 9.77
CA ASN A 63 10.72 -1.59 10.83
C ASN A 63 10.28 -2.27 12.11
N LYS A 64 10.00 -1.46 13.13
CA LYS A 64 9.44 -2.05 14.35
C LYS A 64 7.93 -2.07 14.25
N SER A 65 7.44 -3.27 14.53
CA SER A 65 6.04 -3.67 14.57
C SER A 65 5.42 -3.23 15.91
N LEU A 66 4.45 -2.33 15.86
CA LEU A 66 3.84 -1.87 17.08
C LEU A 66 2.57 -2.69 17.39
N GLY A 67 2.00 -3.38 16.38
CA GLY A 67 0.80 -4.25 16.58
C GLY A 67 0.09 -4.34 15.25
N GLN A 68 -0.85 -5.28 15.08
CA GLN A 68 -1.85 -5.18 14.00
C GLN A 68 -3.25 -5.58 14.44
N PHE A 69 -4.24 -5.10 13.70
CA PHE A 69 -5.65 -5.48 13.84
C PHE A 69 -6.32 -5.43 12.48
N ASN A 70 -7.40 -6.22 12.35
CA ASN A 70 -8.26 -6.23 11.17
C ASN A 70 -9.49 -5.34 11.32
N LEU A 71 -9.88 -4.68 10.24
CA LEU A 71 -11.22 -4.11 10.10
C LEU A 71 -11.91 -5.04 9.13
N ASP A 72 -12.99 -5.71 9.51
CA ASP A 72 -13.78 -6.45 8.53
C ASP A 72 -15.13 -5.84 8.28
N GLY A 73 -16.00 -6.60 7.62
CA GLY A 73 -17.36 -6.16 7.30
C GLY A 73 -17.38 -5.11 6.20
N ILE A 74 -16.37 -5.17 5.34
CA ILE A 74 -16.30 -4.36 4.13
C ILE A 74 -17.26 -4.95 3.07
N ASN A 75 -18.14 -4.10 2.55
CA ASN A 75 -19.20 -4.60 1.70
C ASN A 75 -18.68 -4.85 0.29
N PRO A 76 -19.26 -5.84 -0.44
CA PRO A 76 -18.78 -6.13 -1.78
C PRO A 76 -18.64 -4.87 -2.66
N ALA A 77 -17.49 -4.76 -3.32
CA ALA A 77 -17.19 -3.61 -4.14
C ALA A 77 -16.08 -3.97 -5.02
N PRO A 78 -15.93 -3.23 -6.12
CA PRO A 78 -14.73 -3.34 -6.92
C PRO A 78 -13.49 -2.87 -6.10
N ARG A 79 -12.33 -3.46 -6.39
CA ARG A 79 -11.09 -3.02 -5.73
C ARG A 79 -10.93 -1.53 -5.90
N GLY A 80 -10.49 -0.88 -4.82
CA GLY A 80 -10.12 0.51 -4.85
C GLY A 80 -11.28 1.46 -4.69
N MET A 81 -12.45 0.92 -4.43
CA MET A 81 -13.61 1.77 -4.22
C MET A 81 -13.95 2.07 -2.76
N PRO A 82 -13.71 1.10 -1.84
CA PRO A 82 -13.90 1.37 -0.42
C PRO A 82 -12.98 2.48 0.11
N GLN A 83 -13.46 3.25 1.06
CA GLN A 83 -12.68 4.29 1.62
C GLN A 83 -12.45 3.91 3.05
N ILE A 84 -11.22 3.48 3.34
CA ILE A 84 -10.83 2.99 4.66
C ILE A 84 -9.93 4.09 5.17
N GLU A 85 -10.45 4.95 6.07
CA GLU A 85 -9.69 6.06 6.62
C GLU A 85 -8.94 5.65 7.83
N VAL A 86 -7.61 5.77 7.78
CA VAL A 86 -6.76 5.41 8.88
C VAL A 86 -6.25 6.63 9.64
N THR A 87 -6.49 6.68 10.95
CA THR A 87 -6.08 7.77 11.78
C THR A 87 -5.04 7.36 12.81
N PHE A 88 -3.93 8.08 12.88
CA PHE A 88 -2.95 8.00 13.95
C PHE A 88 -3.13 9.17 14.89
N ASP A 89 -3.33 8.87 16.17
CA ASP A 89 -3.60 9.88 17.16
C ASP A 89 -2.76 9.61 18.39
N ILE A 90 -1.85 10.58 18.64
CA ILE A 90 -0.92 10.62 19.77
C ILE A 90 -1.32 11.75 20.68
N ASP A 91 -1.76 11.36 21.86
CA ASP A 91 -2.35 12.33 22.75
C ASP A 91 -1.23 12.97 23.54
N ALA A 92 -1.59 13.95 24.37
CA ALA A 92 -0.63 14.61 25.25
C ALA A 92 0.18 13.68 26.18
N ASP A 93 -0.25 12.44 26.38
CA ASP A 93 0.47 11.51 27.25
C ASP A 93 1.45 10.62 26.51
N GLY A 94 1.54 10.76 25.18
CA GLY A 94 2.42 9.94 24.34
C GLY A 94 1.85 8.63 23.84
N ILE A 95 0.56 8.42 24.07
CA ILE A 95 -0.15 7.21 23.68
C ILE A 95 -0.69 7.41 22.26
N LEU A 96 -0.46 6.36 21.47
CA LEU A 96 -0.92 6.26 20.10
C LEU A 96 -2.15 5.37 20.02
N HIS A 97 -3.23 5.94 19.49
CA HIS A 97 -4.38 5.16 19.00
C HIS A 97 -4.39 5.18 17.55
N VAL A 98 -4.41 4.01 16.95
CA VAL A 98 -4.64 3.90 15.50
C VAL A 98 -6.02 3.34 15.28
N SER A 99 -6.79 4.00 14.44
CA SER A 99 -8.07 3.49 14.07
C SER A 99 -8.20 3.33 12.55
N ALA A 100 -9.10 2.46 12.14
CA ALA A 100 -9.45 2.26 10.76
C ALA A 100 -11.01 2.28 10.68
N LYS A 101 -11.54 3.13 9.83
CA LYS A 101 -12.96 3.38 9.72
C LYS A 101 -13.40 3.22 8.26
N ASP A 102 -14.44 2.41 8.03
CA ASP A 102 -15.01 2.22 6.71
C ASP A 102 -16.08 3.30 6.49
N LYS A 103 -15.80 4.28 5.63
CA LYS A 103 -16.67 5.42 5.48
C LYS A 103 -18.07 5.11 4.94
N ASN A 104 -18.20 3.99 4.23
CA ASN A 104 -19.51 3.47 3.78
C ASN A 104 -20.27 2.77 4.91
N SER A 105 -19.66 1.71 5.46
CA SER A 105 -20.30 0.80 6.40
C SER A 105 -20.30 1.32 7.82
N GLY A 106 -19.42 2.26 8.13
CA GLY A 106 -19.41 2.84 9.46
C GLY A 106 -18.65 2.06 10.51
N LYS A 107 -18.12 0.87 10.16
CA LYS A 107 -17.35 0.07 11.09
C LYS A 107 -16.02 0.72 11.45
N GLU A 108 -15.54 0.47 12.65
CA GLU A 108 -14.33 1.04 13.17
C GLU A 108 -13.65 -0.03 14.04
N GLN A 109 -12.35 -0.19 13.93
CA GLN A 109 -11.58 -0.97 14.89
C GLN A 109 -10.38 -0.12 15.24
N LYS A 110 -9.87 -0.24 16.47
CA LYS A 110 -8.66 0.46 16.92
C LYS A 110 -7.66 -0.51 17.57
N ILE A 111 -6.44 0.00 17.77
CA ILE A 111 -5.40 -0.55 18.64
C ILE A 111 -4.83 0.65 19.42
N THR A 112 -4.63 0.48 20.71
CA THR A 112 -3.99 1.49 21.51
C THR A 112 -2.61 0.97 21.85
N ILE A 113 -1.64 1.87 21.63
CA ILE A 113 -0.18 1.65 21.77
C ILE A 113 0.44 2.59 22.86
N LYS A 114 0.93 2.02 23.96
CA LYS A 114 1.47 2.83 25.07
C LYS A 114 2.75 3.56 24.70
N ALA A 115 3.08 4.57 25.51
CA ALA A 115 4.02 5.60 25.13
C ALA A 115 5.39 5.00 25.16
N SER A 116 5.48 3.87 25.87
CA SER A 116 6.73 3.20 26.11
C SER A 116 6.99 2.04 25.17
N SER A 117 6.06 1.81 24.24
CA SER A 117 6.26 0.88 23.08
C SER A 117 7.32 1.29 22.06
N GLY A 118 7.78 0.36 21.25
CA GLY A 118 8.74 0.73 20.23
C GLY A 118 10.18 0.58 20.70
N LEU A 119 11.07 1.28 20.03
CA LEU A 119 12.49 1.07 20.13
C LEU A 119 12.96 2.04 21.16
N ASN A 120 14.01 1.66 21.90
CA ASN A 120 14.59 2.52 22.94
C ASN A 120 15.57 3.46 22.35
N GLU A 121 16.21 4.29 23.15
CA GLU A 121 17.07 5.31 22.56
C GLU A 121 18.16 4.74 21.68
N ASP A 122 18.84 3.71 22.16
CA ASP A 122 19.83 2.99 21.37
C ASP A 122 19.34 2.62 19.99
N GLU A 123 18.21 1.92 19.94
CA GLU A 123 17.73 1.36 18.71
C GLU A 123 17.16 2.44 17.80
N ILE A 124 16.68 3.53 18.37
CA ILE A 124 16.25 4.66 17.57
C ILE A 124 17.45 5.14 16.74
N GLN A 125 18.60 5.17 17.40
CA GLN A 125 19.83 5.57 16.76
C GLN A 125 20.32 4.53 15.72
N LYS A 126 20.29 3.22 16.03
CA LYS A 126 20.77 2.20 15.09
C LYS A 126 19.88 2.23 13.89
N MET A 127 18.58 2.49 14.12
CA MET A 127 17.55 2.68 13.07
C MET A 127 17.80 3.87 12.14
N VAL A 128 17.90 5.09 12.69
CA VAL A 128 18.27 6.28 11.88
C VAL A 128 19.55 6.06 11.02
N ARG A 129 20.51 5.36 11.63
CA ARG A 129 21.77 5.02 10.99
C ARG A 129 21.57 4.22 9.72
N ASP A 130 20.76 3.17 9.79
CA ASP A 130 20.54 2.26 8.67
C ASP A 130 19.72 2.90 7.55
N ALA A 131 18.69 3.67 7.92
CA ALA A 131 17.88 4.39 6.95
C ALA A 131 18.82 5.10 5.98
N GLU A 132 19.94 5.57 6.53
CA GLU A 132 21.03 6.13 5.73
C GLU A 132 21.94 5.06 5.10
N ALA A 133 22.45 4.10 5.87
CA ALA A 133 23.33 3.06 5.28
C ALA A 133 22.69 2.39 4.07
N ASN A 134 21.37 2.31 4.09
CA ASN A 134 20.64 1.64 3.07
C ASN A 134 19.74 2.51 2.21
N ALA A 135 19.95 3.81 2.15
CA ALA A 135 18.99 4.69 1.49
C ALA A 135 18.73 4.22 0.07
N GLU A 136 19.76 3.62 -0.49
CA GLU A 136 19.75 3.14 -1.86
C GLU A 136 18.88 1.91 -2.12
N ALA A 137 19.19 0.82 -1.41
CA ALA A 137 18.41 -0.41 -1.47
C ALA A 137 16.93 -0.18 -1.20
N ASP A 138 16.61 0.75 -0.31
CA ASP A 138 15.24 1.15 0.00
C ASP A 138 14.55 1.77 -1.20
N ARG A 139 15.29 2.59 -1.92
CA ARG A 139 14.72 3.29 -3.05
C ARG A 139 14.53 2.25 -4.13
N LYS A 140 15.56 1.50 -4.49
CA LYS A 140 15.32 0.42 -5.41
C LYS A 140 14.17 -0.47 -4.93
N PHE A 141 14.04 -0.77 -3.65
CA PHE A 141 12.91 -1.58 -3.22
C PHE A 141 11.55 -0.93 -3.44
N GLU A 142 11.42 0.34 -3.06
CA GLU A 142 10.16 1.07 -3.13
C GLU A 142 9.65 1.20 -4.56
N GLU A 143 10.56 1.45 -5.51
CA GLU A 143 10.19 1.56 -6.93
C GLU A 143 9.88 0.21 -7.57
N LEU A 144 10.46 -0.88 -7.07
CA LEU A 144 10.01 -2.21 -7.45
C LEU A 144 8.57 -2.49 -7.04
N VAL A 145 8.22 -2.19 -5.79
CA VAL A 145 6.86 -2.33 -5.25
C VAL A 145 5.86 -1.45 -6.00
N GLN A 146 6.25 -0.23 -6.34
CA GLN A 146 5.39 0.66 -7.16
C GLN A 146 5.15 0.12 -8.57
N THR A 147 6.21 -0.34 -9.23
CA THR A 147 6.12 -0.98 -10.55
C THR A 147 5.17 -2.18 -10.45
N ARG A 148 5.45 -3.08 -9.49
CA ARG A 148 4.56 -4.23 -9.23
C ARG A 148 3.12 -3.91 -9.03
N ASN A 149 2.82 -2.83 -8.33
CA ASN A 149 1.44 -2.45 -8.06
C ASN A 149 0.84 -1.80 -9.29
N GLN A 150 1.60 -1.04 -10.06
CA GLN A 150 1.18 -0.51 -11.37
C GLN A 150 0.93 -1.60 -12.40
N GLY A 151 1.77 -2.63 -12.38
CA GLY A 151 1.54 -3.75 -13.25
C GLY A 151 0.31 -4.53 -12.88
N ASP A 152 0.07 -4.72 -11.60
CA ASP A 152 -1.12 -5.42 -11.11
C ASP A 152 -2.40 -4.64 -11.42
N HIS A 153 -2.33 -3.33 -11.28
CA HIS A 153 -3.42 -2.53 -11.74
C HIS A 153 -3.76 -2.70 -13.19
N LEU A 154 -2.81 -2.48 -14.09
CA LEU A 154 -3.04 -2.73 -15.51
C LEU A 154 -3.49 -4.17 -15.83
N LEU A 155 -3.00 -5.16 -15.09
CA LEU A 155 -3.41 -6.55 -15.29
C LEU A 155 -4.95 -6.71 -15.08
N HIS A 156 -5.39 -6.24 -13.92
CA HIS A 156 -6.75 -6.25 -13.52
C HIS A 156 -7.60 -5.38 -14.43
N SER A 157 -7.16 -4.16 -14.72
CA SER A 157 -7.96 -3.26 -15.56
C SER A 157 -8.21 -3.84 -16.95
N THR A 158 -7.19 -4.48 -17.51
CA THR A 158 -7.24 -4.88 -18.90
C THR A 158 -8.15 -6.08 -19.01
N ARG A 159 -8.05 -7.01 -18.07
CA ARG A 159 -8.99 -8.12 -18.01
C ARG A 159 -10.49 -7.72 -17.97
N LYS A 160 -10.80 -6.77 -17.10
CA LYS A 160 -12.13 -6.15 -17.01
C LYS A 160 -12.58 -5.53 -18.33
N GLN A 161 -11.68 -4.81 -19.00
CA GLN A 161 -11.96 -4.17 -20.30
C GLN A 161 -12.19 -5.14 -21.41
N VAL A 162 -11.48 -6.26 -21.39
CA VAL A 162 -11.70 -7.34 -22.29
C VAL A 162 -13.11 -7.94 -22.19
N GLU A 163 -13.52 -8.23 -20.96
CA GLU A 163 -14.91 -8.61 -20.64
C GLU A 163 -15.93 -7.57 -21.15
N GLU A 164 -15.82 -6.33 -20.68
CA GLU A 164 -16.73 -5.26 -21.10
C GLU A 164 -16.74 -5.03 -22.62
N ALA A 165 -15.63 -5.32 -23.28
CA ALA A 165 -15.52 -5.28 -24.75
C ALA A 165 -16.23 -6.48 -25.36
N GLY A 166 -15.95 -7.65 -24.82
CA GLY A 166 -16.50 -8.88 -25.40
C GLY A 166 -16.34 -8.94 -26.92
N ASP A 167 -17.46 -9.05 -27.62
CA ASP A 167 -17.41 -9.21 -29.07
C ASP A 167 -16.85 -8.04 -29.84
N LYS A 168 -16.83 -6.85 -29.23
CA LYS A 168 -16.31 -5.68 -29.92
C LYS A 168 -14.83 -5.90 -30.28
N LEU A 169 -14.15 -6.76 -29.52
CA LEU A 169 -12.72 -7.03 -29.66
C LEU A 169 -12.46 -8.17 -30.68
N PRO A 170 -11.66 -7.87 -31.75
CA PRO A 170 -11.28 -8.89 -32.74
C PRO A 170 -10.56 -10.05 -32.07
N ALA A 171 -10.76 -11.27 -32.56
CA ALA A 171 -10.17 -12.39 -31.87
C ALA A 171 -8.65 -12.33 -31.93
N ASP A 172 -8.11 -11.80 -33.04
CA ASP A 172 -6.65 -11.56 -33.16
C ASP A 172 -6.12 -10.55 -32.12
N ASP A 173 -6.92 -9.53 -31.76
CA ASP A 173 -6.53 -8.69 -30.63
C ASP A 173 -6.64 -9.41 -29.32
N LYS A 174 -7.69 -10.21 -29.13
CA LYS A 174 -7.92 -10.85 -27.83
C LYS A 174 -6.89 -11.93 -27.48
N THR A 175 -6.30 -12.55 -28.51
CA THR A 175 -5.33 -13.64 -28.32
C THR A 175 -4.02 -13.02 -27.87
N ALA A 176 -3.65 -11.89 -28.50
CA ALA A 176 -2.42 -11.17 -28.20
C ALA A 176 -2.42 -10.58 -26.80
N ILE A 177 -3.51 -9.90 -26.46
CA ILE A 177 -3.74 -9.32 -25.15
C ILE A 177 -3.70 -10.39 -24.03
N GLU A 178 -4.36 -11.54 -24.22
CA GLU A 178 -4.47 -12.52 -23.16
C GLU A 178 -3.17 -13.23 -22.99
N SER A 179 -2.35 -13.25 -24.05
CA SER A 179 -0.99 -13.80 -23.96
C SER A 179 -0.05 -12.84 -23.20
N ALA A 180 -0.27 -11.52 -23.37
CA ALA A 180 0.50 -10.48 -22.70
C ALA A 180 0.16 -10.47 -21.23
N LEU A 181 -1.13 -10.67 -20.92
CA LEU A 181 -1.61 -10.71 -19.53
C LEU A 181 -1.11 -11.97 -18.85
N THR A 182 -0.77 -13.01 -19.59
CA THR A 182 -0.23 -14.21 -18.92
C THR A 182 1.23 -14.06 -18.50
N ALA A 183 1.97 -13.42 -19.39
CA ALA A 183 3.38 -13.08 -19.18
C ALA A 183 3.53 -11.99 -18.16
N LEU A 184 2.72 -10.91 -18.25
CA LEU A 184 2.66 -9.98 -17.12
C LEU A 184 2.50 -10.64 -15.71
N GLU A 185 1.50 -11.50 -15.54
CA GLU A 185 1.14 -12.18 -14.32
C GLU A 185 2.30 -13.10 -13.89
N THR A 186 3.08 -13.54 -14.86
CA THR A 186 4.18 -14.42 -14.55
C THR A 186 5.31 -13.56 -14.02
N ALA A 187 5.53 -12.42 -14.68
CA ALA A 187 6.54 -11.42 -14.23
C ALA A 187 6.28 -10.77 -12.88
N LEU A 188 5.02 -10.46 -12.60
CA LEU A 188 4.68 -9.86 -11.31
C LEU A 188 4.97 -10.81 -10.19
N LYS A 189 5.09 -12.10 -10.50
CA LYS A 189 5.50 -13.10 -9.53
C LYS A 189 7.00 -13.00 -9.24
N GLY A 190 7.69 -12.08 -9.93
CA GLY A 190 9.15 -11.91 -9.75
C GLY A 190 9.59 -10.58 -9.16
N GLU A 191 10.91 -10.41 -9.00
CA GLU A 191 11.46 -9.29 -8.25
C GLU A 191 12.30 -8.47 -9.20
N ASP A 192 11.93 -8.56 -10.49
CA ASP A 192 12.68 -7.97 -11.60
C ASP A 192 11.86 -6.86 -12.13
N LYS A 193 12.26 -5.64 -11.81
CA LYS A 193 11.54 -4.48 -12.27
C LYS A 193 11.52 -4.31 -13.80
N ALA A 194 12.65 -4.56 -14.45
CA ALA A 194 12.70 -4.35 -15.90
C ALA A 194 11.79 -5.32 -16.61
N ALA A 195 11.81 -6.59 -16.19
CA ALA A 195 10.92 -7.62 -16.76
C ALA A 195 9.45 -7.30 -16.52
N ILE A 196 9.11 -6.74 -15.35
CA ILE A 196 7.74 -6.30 -15.21
C ILE A 196 7.44 -5.18 -16.23
N GLU A 197 8.31 -4.18 -16.41
CA GLU A 197 7.95 -3.11 -17.36
C GLU A 197 7.90 -3.57 -18.84
N ALA A 198 8.62 -4.64 -19.14
CA ALA A 198 8.68 -5.20 -20.49
C ALA A 198 7.30 -5.82 -20.84
N LYS A 199 6.65 -6.43 -19.86
CA LYS A 199 5.39 -7.11 -20.10
C LYS A 199 4.25 -6.07 -20.10
N MET A 200 4.49 -4.99 -19.37
CA MET A 200 3.55 -3.88 -19.29
C MET A 200 3.53 -3.23 -20.62
N GLN A 201 4.68 -2.87 -21.15
CA GLN A 201 4.79 -2.32 -22.50
C GLN A 201 4.31 -3.25 -23.61
N GLU A 202 4.64 -4.53 -23.53
CA GLU A 202 4.10 -5.52 -24.42
C GLU A 202 2.56 -5.45 -24.49
N LEU A 203 1.93 -5.49 -23.34
CA LEU A 203 0.51 -5.27 -23.21
C LEU A 203 0.04 -3.90 -23.77
N ALA A 204 0.78 -2.82 -23.58
CA ALA A 204 0.34 -1.53 -24.08
C ALA A 204 0.44 -1.55 -25.58
N GLN A 205 1.43 -2.29 -26.08
CA GLN A 205 1.64 -2.44 -27.53
C GLN A 205 0.57 -3.24 -28.24
N VAL A 206 0.01 -4.26 -27.59
CA VAL A 206 -1.06 -5.03 -28.25
C VAL A 206 -2.50 -4.59 -27.98
N SER A 207 -2.70 -3.66 -27.05
CA SER A 207 -4.01 -3.36 -26.48
C SER A 207 -4.66 -2.18 -27.17
N GLN A 208 -4.05 -1.64 -28.20
CA GLN A 208 -4.51 -0.35 -28.71
C GLN A 208 -5.95 -0.26 -29.22
N LYS A 209 -6.48 -1.36 -29.73
CA LYS A 209 -7.81 -1.39 -30.29
C LYS A 209 -8.73 -1.54 -29.08
N LEU A 210 -8.32 -2.40 -28.14
CA LEU A 210 -9.00 -2.54 -26.84
C LEU A 210 -9.23 -1.20 -26.20
N MET A 211 -8.17 -0.41 -26.13
CA MET A 211 -8.22 0.96 -25.54
C MET A 211 -9.23 1.88 -26.26
N GLU A 212 -9.30 1.72 -27.57
CA GLU A 212 -10.15 2.53 -28.46
C GLU A 212 -11.62 2.09 -28.30
N ILE A 213 -11.81 0.77 -28.14
CA ILE A 213 -13.11 0.20 -27.79
C ILE A 213 -13.50 0.71 -26.41
N ALA A 214 -12.71 0.37 -25.37
CA ALA A 214 -12.97 0.82 -23.96
C ALA A 214 -13.30 2.34 -23.72
N GLN A 215 -12.62 3.22 -24.46
CA GLN A 215 -12.90 4.64 -24.52
C GLN A 215 -14.27 4.95 -25.15
N GLN A 216 -14.68 4.23 -26.20
CA GLN A 216 -16.06 4.34 -26.66
C GLN A 216 -17.01 3.49 -25.77
N PRO B 1 -5.90 -10.69 6.35
CA PRO B 1 -6.47 -9.95 5.25
C PRO B 1 -5.40 -9.09 4.61
N PRO B 2 -5.57 -8.77 3.32
CA PRO B 2 -4.69 -7.90 2.57
C PRO B 2 -4.41 -6.54 3.26
N ARG B 3 -3.23 -5.98 2.99
CA ARG B 3 -2.81 -4.73 3.58
C ARG B 3 -3.51 -3.70 2.74
N PRO B 4 -3.71 -2.49 3.27
CA PRO B 4 -4.39 -1.45 2.49
C PRO B 4 -3.53 -1.04 1.33
N ILE B 5 -4.15 -0.60 0.26
CA ILE B 5 -3.44 -0.09 -0.84
C ILE B 5 -3.76 1.38 -0.88
N TYR B 6 -2.74 2.16 -1.15
CA TYR B 6 -2.77 3.58 -1.01
C TYR B 6 -2.69 4.23 -2.35
N ASN B 7 -3.62 5.09 -2.67
CA ASN B 7 -3.77 5.58 -4.05
C ASN B 7 -2.94 6.81 -4.48
#